data_2W0M
#
_entry.id   2W0M
#
_cell.length_a   41.105
_cell.length_b   169.596
_cell.length_c   39.428
_cell.angle_alpha   90.00
_cell.angle_beta   90.00
_cell.angle_gamma   90.00
#
_symmetry.space_group_name_H-M   'P 21 21 2'
#
loop_
_entity.id
_entity.type
_entity.pdbx_description
1 polymer SSO2452
2 non-polymer 'ZINC ION'
3 non-polymer 'PYROPHOSPHATE 2-'
4 water water
#
_entity_poly.entity_id   1
_entity_poly.type   'polypeptide(L)'
_entity_poly.pdbx_seq_one_letter_code
;MVSRLSTGILDFDKLIQGGIPQGFFIALTGEPGTGKTIFSLHFIAKGLRDGDPCIYVTTEESRDSIIRQAKQFNWDFEEY
IEKKLIIIDALMKEKEDQWSLVNLTPEELVNKVIEAKQKLGYGKARLVIDSVSALFLDKPAMARKISYYLKRVLNKWNFT
IYATSQYAITTSQAFGFGVEHVADGIIRFRRMIRNGELHRYILIEKMRQTDHDKHVWEIDIVNGKGIVLKGRLEE
;
_entity_poly.pdbx_strand_id   A
#
loop_
_chem_comp.id
_chem_comp.type
_chem_comp.name
_chem_comp.formula
POP non-polymer 'PYROPHOSPHATE 2-' 'H2 O7 P2 -2'
ZN non-polymer 'ZINC ION' 'Zn 2'
#
# COMPACT_ATOMS: atom_id res chain seq x y z
N MET A 1 -14.91 -14.95 -10.21
CA MET A 1 -13.63 -15.74 -10.18
C MET A 1 -12.92 -15.57 -8.83
N VAL A 2 -12.27 -14.44 -8.61
CA VAL A 2 -11.79 -14.11 -7.27
C VAL A 2 -12.38 -12.81 -6.75
N SER A 3 -12.46 -12.71 -5.43
CA SER A 3 -12.91 -11.49 -4.75
C SER A 3 -11.80 -10.45 -4.79
N ARG A 4 -12.15 -9.28 -5.32
CA ARG A 4 -11.20 -8.22 -5.61
C ARG A 4 -11.55 -6.97 -4.83
N LEU A 5 -10.52 -6.34 -4.30
CA LEU A 5 -10.67 -5.08 -3.57
C LEU A 5 -10.20 -3.93 -4.45
N SER A 6 -11.06 -2.92 -4.61
CA SER A 6 -10.70 -1.74 -5.41
C SER A 6 -9.52 -0.98 -4.86
N THR A 7 -8.69 -0.49 -5.77
CA THR A 7 -7.52 0.32 -5.42
C THR A 7 -7.94 1.72 -4.99
N GLY A 8 -9.18 2.07 -5.28
CA GLY A 8 -9.66 3.43 -5.05
C GLY A 8 -9.47 4.31 -6.28
N ILE A 9 -8.80 3.76 -7.29
CA ILE A 9 -8.62 4.45 -8.58
C ILE A 9 -9.29 3.65 -9.68
N LEU A 10 -10.46 4.09 -10.12
CA LEU A 10 -11.27 3.29 -11.05
C LEU A 10 -10.50 2.95 -12.30
N ASP A 11 -9.81 3.94 -12.85
CA ASP A 11 -9.08 3.74 -14.09
C ASP A 11 -8.00 2.71 -13.89
N PHE A 12 -7.58 2.53 -12.65
CA PHE A 12 -6.52 1.57 -12.38
C PHE A 12 -7.13 0.18 -12.20
N ASP A 13 -8.29 0.15 -11.57
CA ASP A 13 -9.00 -1.11 -11.36
C ASP A 13 -9.27 -1.79 -12.70
N LYS A 14 -9.45 -0.98 -13.73
CA LYS A 14 -9.73 -1.48 -15.07
C LYS A 14 -8.55 -2.33 -15.54
N LEU A 15 -7.37 -2.01 -15.04
CA LEU A 15 -6.15 -2.63 -15.51
C LEU A 15 -5.91 -4.01 -14.88
N ILE A 16 -6.71 -4.33 -13.86
CA ILE A 16 -6.51 -5.55 -13.08
C ILE A 16 -7.85 -6.23 -12.78
N GLN A 17 -8.75 -6.13 -13.75
CA GLN A 17 -10.00 -6.87 -13.74
CA GLN A 17 -9.98 -6.89 -13.73
C GLN A 17 -10.86 -6.59 -12.53
N GLY A 18 -10.80 -5.35 -12.07
CA GLY A 18 -11.68 -4.90 -11.01
C GLY A 18 -10.98 -4.56 -9.73
N GLY A 19 -9.79 -5.08 -9.52
CA GLY A 19 -9.04 -4.74 -8.32
C GLY A 19 -8.09 -5.82 -7.85
N ILE A 20 -7.60 -5.64 -6.63
CA ILE A 20 -6.59 -6.51 -6.05
C ILE A 20 -7.23 -7.73 -5.43
N PRO A 21 -6.78 -8.93 -5.81
CA PRO A 21 -7.29 -10.15 -5.18
C PRO A 21 -7.17 -10.16 -3.67
N GLN A 22 -8.29 -10.47 -3.03
CA GLN A 22 -8.33 -10.49 -1.56
C GLN A 22 -7.29 -11.45 -1.04
N GLY A 23 -6.52 -11.01 -0.05
CA GLY A 23 -5.50 -11.85 0.57
C GLY A 23 -4.12 -11.70 -0.05
N PHE A 24 -4.03 -10.92 -1.11
CA PHE A 24 -2.74 -10.73 -1.78
C PHE A 24 -1.78 -9.83 -0.99
N PHE A 25 -0.50 -10.07 -1.23
CA PHE A 25 0.61 -9.26 -0.73
C PHE A 25 1.19 -8.58 -1.97
N ILE A 26 1.05 -7.26 -2.02
CA ILE A 26 1.40 -6.44 -3.17
C ILE A 26 2.60 -5.55 -2.89
N ALA A 27 3.64 -5.71 -3.69
CA ALA A 27 4.85 -4.91 -3.55
C ALA A 27 4.75 -3.68 -4.44
N LEU A 28 4.90 -2.52 -3.81
CA LEU A 28 4.95 -1.23 -4.52
C LEU A 28 6.39 -0.73 -4.48
N THR A 29 7.03 -0.72 -5.65
CA THR A 29 8.45 -0.45 -5.73
C THR A 29 8.71 0.81 -6.55
N GLY A 30 9.82 1.47 -6.24
CA GLY A 30 10.16 2.72 -6.90
C GLY A 30 10.92 3.67 -6.01
N GLU A 31 11.62 4.59 -6.67
CA GLU A 31 12.40 5.62 -6.02
C GLU A 31 11.52 6.39 -5.03
N PRO A 32 12.16 7.09 -4.06
CA PRO A 32 11.35 7.98 -3.23
C PRO A 32 10.69 9.09 -4.04
N GLY A 33 9.48 9.47 -3.63
CA GLY A 33 8.71 10.54 -4.27
C GLY A 33 8.08 10.17 -5.60
N THR A 34 7.66 8.91 -5.73
CA THR A 34 7.13 8.41 -7.00
C THR A 34 5.65 8.08 -6.91
N GLY A 35 5.05 8.37 -5.76
CA GLY A 35 3.60 8.25 -5.60
C GLY A 35 3.15 7.03 -4.82
N LYS A 36 4.09 6.30 -4.24
CA LYS A 36 3.74 5.03 -3.60
C LYS A 36 2.86 5.24 -2.37
N THR A 37 3.17 6.27 -1.60
CA THR A 37 2.36 6.55 -0.41
C THR A 37 0.94 6.96 -0.83
N ILE A 38 0.82 7.84 -1.81
CA ILE A 38 -0.49 8.29 -2.27
C ILE A 38 -1.29 7.10 -2.78
N PHE A 39 -0.66 6.24 -3.57
CA PHE A 39 -1.33 5.05 -4.11
C PHE A 39 -1.92 4.22 -2.97
N SER A 40 -1.16 4.16 -1.89
CA SER A 40 -1.55 3.43 -0.70
C SER A 40 -2.69 4.10 0.05
N LEU A 41 -2.64 5.43 0.15
CA LEU A 41 -3.71 6.17 0.80
C LEU A 41 -5.04 5.92 0.08
N HIS A 42 -5.00 5.80 -1.25
CA HIS A 42 -6.22 5.50 -2.02
C HIS A 42 -6.85 4.19 -1.56
N PHE A 43 -6.01 3.20 -1.30
CA PHE A 43 -6.41 1.82 -0.98
C PHE A 43 -7.11 1.80 0.36
N ILE A 44 -6.53 2.56 1.29
CA ILE A 44 -7.08 2.69 2.64
C ILE A 44 -8.34 3.53 2.63
N ALA A 45 -8.30 4.65 1.91
CA ALA A 45 -9.46 5.53 1.83
C ALA A 45 -10.67 4.76 1.34
N LYS A 46 -10.45 3.90 0.35
CA LYS A 46 -11.53 3.15 -0.28
C LYS A 46 -12.05 2.11 0.69
N GLY A 47 -11.14 1.44 1.38
CA GLY A 47 -11.49 0.49 2.43
C GLY A 47 -12.35 1.11 3.50
N LEU A 48 -11.94 2.29 3.96
CA LEU A 48 -12.66 2.97 5.02
C LEU A 48 -14.07 3.31 4.56
N ARG A 49 -14.18 3.82 3.35
CA ARG A 49 -15.50 4.14 2.80
C ARG A 49 -16.32 2.88 2.59
N ASP A 50 -15.64 1.76 2.40
CA ASP A 50 -16.31 0.47 2.19
C ASP A 50 -16.69 -0.17 3.51
N GLY A 51 -16.19 0.36 4.62
CA GLY A 51 -16.43 -0.22 5.93
C GLY A 51 -15.41 -1.30 6.33
N ASP A 52 -14.32 -1.40 5.57
CA ASP A 52 -13.25 -2.36 5.87
C ASP A 52 -12.38 -1.87 7.05
N PRO A 53 -12.00 -2.77 7.96
CA PRO A 53 -10.97 -2.36 8.89
C PRO A 53 -9.67 -2.08 8.15
N CYS A 54 -9.01 -0.99 8.53
CA CYS A 54 -7.81 -0.54 7.83
C CYS A 54 -6.69 -0.19 8.79
N ILE A 55 -5.48 -0.60 8.40
CA ILE A 55 -4.28 -0.37 9.19
C ILE A 55 -3.17 0.14 8.27
N TYR A 56 -2.59 1.25 8.67
CA TYR A 56 -1.50 1.86 7.95
C TYR A 56 -0.29 1.92 8.86
N VAL A 57 0.76 1.20 8.49
CA VAL A 57 2.05 1.27 9.20
C VAL A 57 3.03 2.19 8.48
N THR A 58 3.48 3.23 9.18
CA THR A 58 4.39 4.22 8.60
C THR A 58 5.72 4.22 9.33
N THR A 59 6.79 4.15 8.55
CA THR A 59 8.14 3.99 9.08
C THR A 59 9.04 5.19 8.79
N GLU A 60 8.61 6.06 7.89
CA GLU A 60 9.44 7.22 7.49
C GLU A 60 8.81 8.52 7.95
N GLU A 61 7.48 8.55 7.96
CA GLU A 61 6.75 9.74 8.32
C GLU A 61 6.00 9.53 9.62
N SER A 62 5.43 10.62 10.11
CA SER A 62 4.63 10.61 11.31
C SER A 62 3.18 10.29 10.96
N ARG A 63 2.45 9.77 11.93
CA ARG A 63 1.04 9.52 11.78
C ARG A 63 0.32 10.78 11.33
N ASP A 64 0.73 11.92 11.87
CA ASP A 64 0.07 13.17 11.54
C ASP A 64 0.32 13.54 10.10
N SER A 65 1.52 13.24 9.64
CA SER A 65 1.88 13.53 8.25
C SER A 65 1.02 12.74 7.28
N ILE A 66 0.79 11.47 7.62
CA ILE A 66 -0.07 10.59 6.83
C ILE A 66 -1.47 11.18 6.76
N ILE A 67 -1.96 11.62 7.92
CA ILE A 67 -3.30 12.19 8.02
C ILE A 67 -3.39 13.50 7.22
N ARG A 68 -2.36 14.33 7.29
CA ARG A 68 -2.34 15.60 6.57
C ARG A 68 -2.29 15.34 5.07
N GLN A 69 -1.56 14.32 4.68
CA GLN A 69 -1.41 13.97 3.27
C GLN A 69 -2.74 13.55 2.68
N ALA A 70 -3.46 12.72 3.43
CA ALA A 70 -4.74 12.23 3.00
C ALA A 70 -5.71 13.39 2.79
N LYS A 71 -5.58 14.43 3.61
CA LYS A 71 -6.51 15.56 3.57
C LYS A 71 -6.29 16.34 2.29
N GLN A 72 -5.09 16.20 1.76
CA GLN A 72 -4.73 16.86 0.51
C GLN A 72 -5.65 16.36 -0.59
N PHE A 73 -6.13 15.12 -0.44
CA PHE A 73 -6.88 14.49 -1.52
C PHE A 73 -8.31 14.25 -1.08
N ASN A 74 -8.73 15.12 -0.19
CA ASN A 74 -10.11 15.16 0.34
C ASN A 74 -10.49 13.89 1.09
N TRP A 75 -9.50 13.20 1.66
CA TRP A 75 -9.76 12.08 2.56
C TRP A 75 -9.55 12.49 4.01
N ASP A 76 -10.53 12.17 4.84
CA ASP A 76 -10.58 12.62 6.22
C ASP A 76 -10.44 11.42 7.17
N PHE A 77 -9.21 11.10 7.53
CA PHE A 77 -8.90 9.90 8.31
C PHE A 77 -9.15 10.08 9.79
N GLU A 78 -9.38 11.32 10.20
CA GLU A 78 -9.38 11.60 11.63
C GLU A 78 -10.48 10.90 12.40
N GLU A 79 -11.70 10.89 11.87
CA GLU A 79 -12.84 10.38 12.60
C GLU A 79 -12.97 8.87 12.49
N TYR A 80 -12.08 8.24 11.74
CA TYR A 80 -12.10 6.79 11.58
C TYR A 80 -11.16 6.18 12.59
N ILE A 81 -10.29 7.01 13.15
CA ILE A 81 -9.20 6.54 14.01
C ILE A 81 -9.72 5.78 15.22
N GLU A 82 -9.17 4.59 15.39
CA GLU A 82 -9.55 3.68 16.47
C GLU A 82 -10.97 3.13 16.32
N LYS A 83 -11.65 3.50 15.24
CA LYS A 83 -12.97 2.97 14.95
C LYS A 83 -12.88 1.94 13.83
N LYS A 84 -12.37 2.40 12.68
CA LYS A 84 -12.15 1.55 11.51
C LYS A 84 -10.73 1.69 10.94
N LEU A 85 -9.94 2.61 11.51
CA LEU A 85 -8.55 2.86 11.09
C LEU A 85 -7.61 2.92 12.27
N ILE A 86 -6.47 2.27 12.14
CA ILE A 86 -5.37 2.49 13.08
C ILE A 86 -4.13 2.80 12.27
N ILE A 87 -3.48 3.91 12.57
CA ILE A 87 -2.19 4.21 11.98
C ILE A 87 -1.13 3.93 13.00
N ILE A 88 -0.24 3.01 12.65
CA ILE A 88 0.88 2.64 13.51
C ILE A 88 2.12 3.39 13.08
N ASP A 89 2.68 4.13 14.03
CA ASP A 89 3.79 5.00 13.79
C ASP A 89 5.08 4.27 14.16
N ALA A 90 5.87 3.92 13.17
CA ALA A 90 7.10 3.21 13.45
C ALA A 90 8.22 4.22 13.39
N LEU A 91 7.84 5.48 13.21
CA LEU A 91 8.80 6.59 13.29
C LEU A 91 8.58 7.38 14.58
N MET A 92 8.96 6.80 15.71
CA MET A 92 8.82 7.49 16.98
C MET A 92 8.60 6.49 18.11
N ASP A 97 0.86 5.79 19.99
CA ASP A 97 1.42 5.66 21.35
C ASP A 97 1.47 4.20 21.75
N GLN A 98 0.27 3.63 21.93
CA GLN A 98 0.18 2.19 22.02
C GLN A 98 0.23 1.70 20.58
N TRP A 99 -0.05 2.61 19.65
CA TRP A 99 0.02 2.30 18.23
C TRP A 99 1.34 2.78 17.68
N SER A 100 2.38 2.58 18.46
CA SER A 100 3.73 2.89 18.03
C SER A 100 4.54 1.60 18.00
N LEU A 101 5.55 1.57 17.13
CA LEU A 101 6.54 0.50 17.14
C LEU A 101 7.82 0.98 17.80
N VAL A 102 8.16 0.35 18.92
CA VAL A 102 9.43 0.64 19.60
C VAL A 102 10.60 0.14 18.76
N ASN A 103 10.63 -1.17 18.54
CA ASN A 103 11.63 -1.77 17.68
C ASN A 103 11.03 -2.12 16.33
N LEU A 104 11.74 -1.76 15.27
CA LEU A 104 11.33 -2.15 13.94
C LEU A 104 11.85 -3.55 13.61
N THR A 105 11.18 -4.55 14.17
CA THR A 105 11.42 -5.94 13.78
C THR A 105 10.13 -6.52 13.18
N PRO A 106 10.26 -7.57 12.36
CA PRO A 106 9.11 -8.16 11.71
C PRO A 106 8.04 -8.66 12.69
N GLU A 107 8.47 -9.31 13.76
CA GLU A 107 7.51 -9.91 14.69
C GLU A 107 6.80 -8.85 15.52
N GLU A 108 7.55 -7.84 15.96
CA GLU A 108 6.95 -6.73 16.68
C GLU A 108 5.90 -6.06 15.82
N LEU A 109 6.19 -5.94 14.52
CA LEU A 109 5.27 -5.26 13.57
C LEU A 109 4.00 -6.06 13.39
N VAL A 110 4.15 -7.36 13.25
CA VAL A 110 2.99 -8.22 13.06
C VAL A 110 2.13 -8.25 14.34
N ASN A 111 2.78 -8.40 15.48
CA ASN A 111 2.07 -8.44 16.76
C ASN A 111 1.25 -7.17 16.97
N LYS A 112 1.82 -6.04 16.54
CA LYS A 112 1.16 -4.75 16.73
C LYS A 112 -0.01 -4.63 15.76
N VAL A 113 0.17 -5.21 14.57
CA VAL A 113 -0.86 -5.12 13.56
C VAL A 113 -2.02 -6.02 13.98
N ILE A 114 -1.71 -7.17 14.57
CA ILE A 114 -2.75 -8.07 15.01
C ILE A 114 -3.49 -7.49 16.20
N GLU A 115 -2.74 -6.84 17.09
CA GLU A 115 -3.34 -6.12 18.22
C GLU A 115 -4.37 -5.11 17.70
N ALA A 116 -3.97 -4.34 16.69
CA ALA A 116 -4.84 -3.34 16.10
C ALA A 116 -6.06 -3.99 15.49
N LYS A 117 -5.86 -5.14 14.84
CA LYS A 117 -6.97 -5.84 14.18
C LYS A 117 -7.99 -6.31 15.22
N GLN A 118 -7.50 -6.68 16.40
CA GLN A 118 -8.39 -7.12 17.47
C GLN A 118 -9.27 -5.96 17.94
N LYS A 119 -8.73 -4.75 17.85
CA LYS A 119 -9.48 -3.56 18.27
C LYS A 119 -10.55 -3.25 17.25
N LEU A 120 -10.25 -3.47 15.98
CA LEU A 120 -11.12 -3.04 14.88
C LEU A 120 -12.22 -4.06 14.51
N GLY A 121 -12.06 -5.30 14.96
CA GLY A 121 -13.13 -6.28 14.82
C GLY A 121 -13.06 -7.17 13.61
N TYR A 122 -14.03 -8.08 13.52
CA TYR A 122 -14.09 -9.04 12.43
C TYR A 122 -14.23 -8.32 11.10
N GLY A 123 -13.70 -8.93 10.04
CA GLY A 123 -13.91 -8.45 8.69
C GLY A 123 -12.63 -8.35 7.88
N LYS A 124 -12.73 -8.56 6.58
CA LYS A 124 -11.57 -8.45 5.69
C LYS A 124 -10.92 -7.09 5.89
N ALA A 125 -9.60 -7.08 6.01
CA ALA A 125 -8.87 -5.86 6.35
C ALA A 125 -7.87 -5.46 5.26
N ARG A 126 -7.54 -4.18 5.25
CA ARG A 126 -6.47 -3.67 4.42
C ARG A 126 -5.35 -3.19 5.29
N LEU A 127 -4.15 -3.56 4.89
CA LEU A 127 -2.94 -3.17 5.58
C LEU A 127 -1.95 -2.54 4.60
N VAL A 128 -1.40 -1.40 4.97
CA VAL A 128 -0.29 -0.83 4.26
C VAL A 128 0.93 -0.87 5.17
N ILE A 129 2.04 -1.40 4.65
CA ILE A 129 3.33 -1.32 5.35
C ILE A 129 4.24 -0.44 4.53
N ASP A 130 4.39 0.80 4.99
CA ASP A 130 5.10 1.84 4.25
C ASP A 130 6.24 2.37 5.12
N SER A 131 7.44 1.82 5.01
CA SER A 131 7.78 0.81 4.02
C SER A 131 8.33 -0.46 4.65
N VAL A 132 8.15 -1.56 3.95
CA VAL A 132 8.59 -2.87 4.41
C VAL A 132 10.13 -3.00 4.43
N SER A 133 10.82 -2.13 3.69
CA SER A 133 12.29 -2.16 3.60
C SER A 133 12.94 -1.74 4.91
N ALA A 134 12.21 -0.98 5.70
CA ALA A 134 12.72 -0.48 6.96
C ALA A 134 12.98 -1.67 7.86
N LEU A 135 12.34 -2.79 7.54
CA LEU A 135 12.48 -4.00 8.33
C LEU A 135 13.83 -4.66 8.09
N PHE A 136 14.46 -4.38 6.94
CA PHE A 136 15.69 -5.09 6.60
C PHE A 136 16.81 -4.20 6.04
N LEU A 137 16.78 -2.93 6.39
CA LEU A 137 17.86 -2.02 6.03
C LEU A 137 19.21 -2.62 6.43
N ASP A 138 19.26 -3.16 7.64
CA ASP A 138 20.53 -3.65 8.22
C ASP A 138 20.73 -5.14 7.98
N LYS A 139 19.69 -5.79 7.48
CA LYS A 139 19.73 -7.22 7.22
C LYS A 139 19.18 -7.50 5.83
N PRO A 140 19.79 -6.90 4.81
CA PRO A 140 19.28 -6.89 3.45
C PRO A 140 18.99 -8.30 2.95
N ALA A 141 19.76 -9.25 3.43
CA ALA A 141 19.68 -10.62 2.92
C ALA A 141 18.50 -11.37 3.55
N MET A 142 17.83 -10.75 4.51
CA MET A 142 16.75 -11.41 5.23
C MET A 142 15.43 -11.04 4.59
N ALA A 143 15.51 -10.17 3.58
CA ALA A 143 14.32 -9.61 2.95
C ALA A 143 13.31 -10.70 2.56
N ARG A 144 13.80 -11.79 1.99
CA ARG A 144 12.91 -12.84 1.48
C ARG A 144 12.26 -13.61 2.64
N LYS A 145 13.06 -13.99 3.62
CA LYS A 145 12.55 -14.76 4.74
C LYS A 145 11.54 -13.91 5.52
N ILE A 146 11.79 -12.61 5.57
CA ILE A 146 10.92 -11.71 6.32
C ILE A 146 9.61 -11.51 5.58
N SER A 147 9.68 -11.37 4.26
CA SER A 147 8.49 -11.11 3.46
C SER A 147 7.58 -12.34 3.43
N TYR A 148 8.18 -13.53 3.43
CA TYR A 148 7.41 -14.75 3.43
C TYR A 148 6.64 -14.87 4.74
N TYR A 149 7.31 -14.55 5.83
CA TYR A 149 6.70 -14.60 7.15
C TYR A 149 5.55 -13.62 7.20
N LEU A 150 5.84 -12.40 6.76
CA LEU A 150 4.84 -11.34 6.79
C LEU A 150 3.63 -11.74 5.97
N LYS A 151 3.86 -12.27 4.79
CA LYS A 151 2.77 -12.65 3.90
C LYS A 151 1.94 -13.77 4.52
N ARG A 152 2.61 -14.84 4.96
CA ARG A 152 1.90 -15.99 5.52
C ARG A 152 1.00 -15.57 6.68
N VAL A 153 1.58 -14.86 7.64
CA VAL A 153 0.89 -14.56 8.88
C VAL A 153 -0.19 -13.50 8.70
N LEU A 154 0.08 -12.52 7.86
CA LEU A 154 -0.87 -11.41 7.69
C LEU A 154 -2.05 -11.86 6.82
N ASN A 155 -1.79 -12.74 5.87
CA ASN A 155 -2.86 -13.32 5.07
C ASN A 155 -3.76 -14.16 5.98
N LYS A 156 -3.14 -14.91 6.89
CA LYS A 156 -3.86 -15.73 7.85
C LYS A 156 -4.82 -14.88 8.68
N TRP A 157 -4.44 -13.63 8.94
CA TRP A 157 -5.25 -12.73 9.75
C TRP A 157 -6.16 -11.82 8.93
N ASN A 158 -6.45 -12.27 7.72
CA ASN A 158 -7.48 -11.67 6.87
C ASN A 158 -7.10 -10.33 6.28
N PHE A 159 -5.82 -10.13 6.02
CA PHE A 159 -5.34 -8.90 5.40
C PHE A 159 -5.09 -9.07 3.92
N THR A 160 -5.31 -7.96 3.20
CA THR A 160 -4.81 -7.76 1.86
C THR A 160 -3.79 -6.63 2.07
N ILE A 161 -2.58 -6.80 1.56
CA ILE A 161 -1.44 -6.01 2.02
C ILE A 161 -0.73 -5.29 0.87
N TYR A 162 -0.46 -4.00 1.07
CA TYR A 162 0.47 -3.23 0.23
C TYR A 162 1.74 -3.08 1.02
N ALA A 163 2.86 -3.37 0.39
CA ALA A 163 4.16 -3.20 1.03
C ALA A 163 5.06 -2.34 0.13
N THR A 164 5.42 -1.15 0.58
CA THR A 164 6.28 -0.31 -0.22
C THR A 164 7.73 -0.63 0.05
N SER A 165 8.58 -0.46 -0.96
CA SER A 165 10.01 -0.53 -0.76
C SER A 165 10.71 0.47 -1.65
N GLN A 166 11.67 1.18 -1.08
CA GLN A 166 12.44 2.18 -1.81
C GLN A 166 13.87 1.70 -2.03
N GLY A 178 14.05 -9.68 -2.41
CA GLY A 178 13.22 -10.88 -2.30
C GLY A 178 11.75 -10.55 -2.05
N VAL A 179 11.48 -9.29 -1.71
CA VAL A 179 10.12 -8.88 -1.43
C VAL A 179 9.28 -9.16 -2.67
N GLU A 180 9.82 -8.79 -3.83
CA GLU A 180 9.06 -8.84 -5.08
C GLU A 180 8.71 -10.26 -5.43
N HIS A 181 9.61 -11.18 -5.11
CA HIS A 181 9.44 -12.57 -5.52
C HIS A 181 8.41 -13.28 -4.66
N VAL A 182 8.28 -12.83 -3.42
CA VAL A 182 7.31 -13.42 -2.51
C VAL A 182 5.94 -12.81 -2.80
N ALA A 183 5.95 -11.59 -3.33
CA ALA A 183 4.71 -10.85 -3.59
C ALA A 183 3.85 -11.52 -4.66
N ASP A 184 2.54 -11.38 -4.47
CA ASP A 184 1.53 -11.91 -5.38
C ASP A 184 1.36 -10.96 -6.55
N GLY A 185 1.70 -9.71 -6.31
CA GLY A 185 1.63 -8.68 -7.34
C GLY A 185 2.72 -7.67 -7.15
N ILE A 186 3.09 -7.02 -8.23
CA ILE A 186 4.13 -5.99 -8.18
C ILE A 186 3.67 -4.79 -8.98
N ILE A 187 3.66 -3.63 -8.35
CA ILE A 187 3.39 -2.39 -9.10
C ILE A 187 4.57 -1.46 -8.95
N ARG A 188 5.10 -1.04 -10.08
CA ARG A 188 6.29 -0.20 -10.11
C ARG A 188 5.95 1.24 -10.45
N PHE A 189 6.59 2.16 -9.73
CA PHE A 189 6.38 3.60 -9.87
C PHE A 189 7.65 4.29 -10.32
N ARG A 190 7.54 5.15 -11.33
CA ARG A 190 8.71 5.87 -11.84
C ARG A 190 8.45 7.35 -12.00
N ARG A 191 9.52 8.12 -11.87
CA ARG A 191 9.46 9.55 -12.18
C ARG A 191 10.64 9.91 -13.08
N MET A 192 10.41 10.87 -13.96
CA MET A 192 11.39 11.24 -14.97
C MET A 192 11.25 12.71 -15.27
N ILE A 193 12.39 13.42 -15.30
CA ILE A 193 12.37 14.83 -15.70
C ILE A 193 12.97 14.98 -17.09
N ARG A 194 12.22 15.65 -17.96
CA ARG A 194 12.64 15.86 -19.33
C ARG A 194 12.12 17.22 -19.83
N ASN A 195 13.04 18.05 -20.30
CA ASN A 195 12.73 19.41 -20.72
C ASN A 195 11.96 20.15 -19.63
N GLY A 196 12.47 20.06 -18.41
CA GLY A 196 11.90 20.79 -17.29
C GLY A 196 10.57 20.24 -16.83
N GLU A 197 10.11 19.17 -17.47
CA GLU A 197 8.83 18.55 -17.10
C GLU A 197 9.03 17.31 -16.25
N LEU A 198 8.22 17.17 -15.21
CA LEU A 198 8.15 15.94 -14.45
C LEU A 198 7.09 15.02 -15.03
N HIS A 199 7.47 13.78 -15.30
CA HIS A 199 6.51 12.79 -15.75
C HIS A 199 6.56 11.61 -14.80
N ARG A 200 5.38 11.11 -14.44
CA ARG A 200 5.27 9.97 -13.55
C ARG A 200 4.60 8.82 -14.26
N TYR A 201 5.09 7.63 -13.97
CA TYR A 201 4.63 6.42 -14.63
C TYR A 201 4.40 5.29 -13.65
N ILE A 202 3.46 4.45 -14.00
CA ILE A 202 3.16 3.27 -13.22
C ILE A 202 3.09 2.06 -14.14
N LEU A 203 3.45 0.90 -13.61
CA LEU A 203 3.46 -0.35 -14.38
C LEU A 203 3.09 -1.52 -13.48
N ILE A 204 2.13 -2.31 -13.91
CA ILE A 204 1.84 -3.59 -13.24
C ILE A 204 2.78 -4.65 -13.79
N GLU A 205 3.78 -5.01 -13.01
CA GLU A 205 4.83 -5.92 -13.45
C GLU A 205 4.38 -7.36 -13.25
N LYS A 206 3.56 -7.56 -12.23
CA LYS A 206 3.07 -8.89 -11.87
C LYS A 206 1.73 -8.79 -11.15
N MET A 207 0.83 -9.71 -11.44
CA MET A 207 -0.41 -9.82 -10.68
C MET A 207 -1.06 -11.19 -10.84
N ARG A 208 -0.85 -12.03 -9.83
CA ARG A 208 -1.40 -13.38 -9.86
C ARG A 208 -2.89 -13.40 -10.13
N GLN A 209 -3.31 -14.44 -10.84
CA GLN A 209 -4.72 -14.74 -11.07
C GLN A 209 -5.42 -13.59 -11.76
N THR A 210 -4.66 -12.83 -12.52
CA THR A 210 -5.19 -11.62 -13.11
C THR A 210 -4.63 -11.36 -14.51
N ASP A 211 -5.53 -11.15 -15.46
CA ASP A 211 -5.14 -10.75 -16.79
C ASP A 211 -4.88 -9.25 -16.76
N HIS A 212 -3.71 -8.87 -16.24
CA HIS A 212 -3.40 -7.46 -16.03
C HIS A 212 -2.88 -6.79 -17.28
N ASP A 213 -3.08 -5.48 -17.36
CA ASP A 213 -2.51 -4.66 -18.42
C ASP A 213 -1.00 -4.66 -18.30
N LYS A 214 -0.31 -4.71 -19.44
CA LYS A 214 1.14 -4.79 -19.47
C LYS A 214 1.79 -3.48 -19.91
N HIS A 215 0.96 -2.50 -20.27
CA HIS A 215 1.46 -1.19 -20.67
C HIS A 215 1.92 -0.36 -19.48
N VAL A 216 2.90 0.49 -19.72
CA VAL A 216 3.24 1.53 -18.78
C VAL A 216 2.20 2.62 -18.93
N TRP A 217 1.69 3.11 -17.80
CA TRP A 217 0.73 4.23 -17.82
C TRP A 217 1.30 5.49 -17.24
N GLU A 218 1.03 6.59 -17.89
CA GLU A 218 1.35 7.88 -17.30
C GLU A 218 0.30 8.28 -16.26
N ILE A 219 0.78 8.77 -15.12
CA ILE A 219 -0.10 9.20 -14.04
C ILE A 219 0.20 10.64 -13.63
N ASP A 220 -0.79 11.23 -12.99
CA ASP A 220 -0.67 12.57 -12.43
C ASP A 220 -1.12 12.50 -10.98
N ILE A 221 -0.52 13.34 -10.15
CA ILE A 221 -0.98 13.51 -8.78
C ILE A 221 -1.62 14.90 -8.68
N VAL A 222 -2.94 14.90 -8.51
CA VAL A 222 -3.72 16.14 -8.53
C VAL A 222 -4.30 16.45 -7.16
N ASN A 223 -4.12 17.69 -6.73
CA ASN A 223 -4.70 18.11 -5.46
C ASN A 223 -6.20 17.84 -5.40
N GLY A 224 -6.64 17.28 -4.28
CA GLY A 224 -8.06 17.06 -4.05
C GLY A 224 -8.56 15.80 -4.74
N LYS A 225 -7.68 15.16 -5.50
CA LYS A 225 -8.08 13.97 -6.24
C LYS A 225 -7.16 12.78 -5.98
N GLY A 226 -5.86 13.02 -6.10
CA GLY A 226 -4.88 11.95 -5.94
C GLY A 226 -4.31 11.53 -7.27
N ILE A 227 -4.00 10.23 -7.38
CA ILE A 227 -3.42 9.69 -8.61
C ILE A 227 -4.44 9.61 -9.73
N VAL A 228 -4.09 10.20 -10.86
CA VAL A 228 -4.94 10.14 -12.05
C VAL A 228 -4.17 9.52 -13.22
N LEU A 229 -4.79 8.55 -13.88
CA LEU A 229 -4.22 7.95 -15.09
C LEU A 229 -4.44 8.85 -16.28
N LYS A 230 -3.35 9.18 -16.97
CA LYS A 230 -3.38 10.18 -18.04
C LYS A 230 -3.42 9.56 -19.43
N GLY A 231 -2.86 8.36 -19.56
CA GLY A 231 -2.77 7.70 -20.85
C GLY A 231 -1.76 6.58 -20.88
N ARG A 232 -1.91 5.73 -21.88
CA ARG A 232 -1.14 4.51 -22.01
C ARG A 232 0.03 4.71 -22.96
N LEU A 233 1.22 4.32 -22.52
CA LEU A 233 2.40 4.32 -23.41
C LEU A 233 2.44 3.07 -24.29
N GLU A 234 2.80 3.27 -25.55
CA GLU A 234 2.92 2.18 -26.51
C GLU A 234 4.38 1.82 -26.75
N GLU A 235 4.62 0.52 -26.97
CA GLU A 235 5.95 0.03 -27.29
C GLU A 235 6.99 0.54 -26.30
ZN ZN B . 1.78 -10.90 -15.53
ZN ZN C . 4.05 13.49 -19.16
ZN ZN D . -1.36 12.09 16.02
ZN ZN E . -0.04 -1.47 -26.88
P1 POP F . 4.68 9.82 -2.28
O1 POP F . 4.60 11.28 -2.67
O2 POP F . 4.98 9.74 -0.80
O3 POP F . 3.38 9.11 -2.57
O POP F . 5.94 9.19 -3.05
P2 POP F . 6.70 7.96 -2.35
O4 POP F . 7.01 6.94 -3.42
O5 POP F . 7.98 8.40 -1.68
O6 POP F . 5.79 7.36 -1.30
#